data_6QDF
#
_entry.id   6QDF
#
_cell.length_a   47.519
_cell.length_b   90.286
_cell.length_c   53.010
_cell.angle_alpha   90.00
_cell.angle_beta   111.83
_cell.angle_gamma   90.00
#
_symmetry.space_group_name_H-M   'P 1 21 1'
#
loop_
_entity.id
_entity.type
_entity.pdbx_description
1 polymer 'Glycylpeptide N-tetradecanoyltransferase'
2 non-polymer TETRADECANOYL-COA
3 non-polymer 'MAGNESIUM ION'
4 non-polymer 3-[[6-tert-butyl-2-[methyl-[(3S)-1-methylpyrrolidin-3-yl]amino]thieno[3,2-d]pyrimidin-4-yl]-methyl-amino]propanenitrile
5 water water
#
_entity_poly.entity_id   1
_entity_poly.type   'polypeptide(L)'
_entity_poly.pdbx_seq_one_letter_code
;MSRNPSNSDAAHAFWSTQPVPQTEDETEKIVFAGPMDEPKTVADIPEEPYPIASTFEWWTPNMEAADDIHAIYELLRDNY
VEDDDSMFRFNYSEEFLQWALCPPNYIPDWHVAVRRKADKKLLAFIAGVPVTLRMGTPKYMKVKAQEKGEGEEAAKYDEP
RHICEINFLCVHKQLREKRLAPILIKEATRRVNRTNVWQAVYTAGVLLPTPYASGQYFHRSLNPEKLVEIRFSGIPAQYQ
KFQNPMAMLKRNYQLPSAPKNSGLREMKPSDVPQVRRILMNYLDSFDVGPVFSDAEISHYLLPRDGVVFTYVVENDKKVT
DFFSFYRIPSTVIGNSNYNLLNAAYVHYYAATSIPLHQLILDLLIVAHSRGFDVCNMVEILDNRSFVEQLKFGAGDGHLR
YYFYNWAYPKIKPSQVALVML
;
_entity_poly.pdbx_strand_id   A
#
# COMPACT_ATOMS: atom_id res chain seq x y z
N ALA A 11 14.19 -0.41 24.62
CA ALA A 11 14.33 -0.19 23.18
C ALA A 11 13.07 0.46 22.60
N HIS A 12 11.88 -0.06 22.93
CA HIS A 12 10.69 0.58 22.35
C HIS A 12 9.68 0.91 23.44
N ALA A 13 9.73 2.15 23.94
CA ALA A 13 8.90 2.53 25.08
C ALA A 13 7.40 2.50 24.74
N PHE A 14 7.04 2.72 23.46
CA PHE A 14 5.64 2.56 23.05
C PHE A 14 5.34 1.12 22.61
N TRP A 15 6.09 0.63 21.58
CA TRP A 15 5.71 -0.66 20.99
C TRP A 15 5.82 -1.85 21.94
N SER A 16 6.66 -1.73 22.99
CA SER A 16 6.67 -2.78 24.02
C SER A 16 5.38 -2.90 24.81
N THR A 17 4.46 -1.91 24.74
CA THR A 17 3.24 -1.92 25.56
C THR A 17 2.04 -2.41 24.73
N GLN A 18 2.29 -2.71 23.44
CA GLN A 18 1.23 -3.01 22.48
C GLN A 18 1.14 -4.49 22.14
N PRO A 19 -0.04 -4.96 21.67
CA PRO A 19 -0.25 -6.36 21.32
C PRO A 19 0.27 -6.71 19.94
N VAL A 20 1.60 -6.65 19.84
CA VAL A 20 2.33 -7.05 18.63
C VAL A 20 3.45 -7.99 19.04
N PRO A 21 3.96 -8.85 18.14
CA PRO A 21 5.11 -9.69 18.47
CA PRO A 21 5.11 -9.70 18.46
C PRO A 21 6.32 -8.81 18.76
N GLN A 22 7.09 -9.20 19.77
CA GLN A 22 8.08 -8.28 20.29
C GLN A 22 9.48 -8.53 19.69
N THR A 23 9.70 -9.73 19.15
CA THR A 23 10.99 -10.03 18.55
C THR A 23 10.81 -10.89 17.31
N GLU A 24 11.85 -10.90 16.47
CA GLU A 24 11.89 -11.73 15.27
C GLU A 24 11.76 -13.18 15.69
N ASP A 25 12.40 -13.53 16.80
CA ASP A 25 12.34 -14.91 17.28
C ASP A 25 10.90 -15.33 17.58
N GLU A 26 10.15 -14.45 18.25
CA GLU A 26 8.75 -14.72 18.55
C GLU A 26 7.99 -15.03 17.25
N THR A 27 8.23 -14.26 16.18
CA THR A 27 7.43 -14.38 14.96
C THR A 27 7.75 -15.68 14.22
N GLU A 28 9.03 -16.11 14.34
CA GLU A 28 9.48 -17.32 13.68
C GLU A 28 8.97 -18.58 14.40
N LYS A 29 8.50 -18.44 15.64
CA LYS A 29 7.94 -19.54 16.42
C LYS A 29 6.41 -19.67 16.30
N ILE A 30 5.72 -18.68 15.71
CA ILE A 30 4.26 -18.72 15.64
C ILE A 30 3.88 -19.77 14.60
N VAL A 31 2.91 -20.62 14.96
CA VAL A 31 2.44 -21.63 14.03
C VAL A 31 1.03 -21.30 13.55
N PHE A 32 0.15 -20.75 14.39
CA PHE A 32 -1.22 -20.53 13.94
C PHE A 32 -1.58 -19.05 14.00
N ALA A 33 -2.42 -18.60 13.06
CA ALA A 33 -2.99 -17.25 13.10
C ALA A 33 -3.97 -17.13 14.25
N GLY A 34 -3.97 -15.99 14.93
CA GLY A 34 -5.05 -15.66 15.85
C GLY A 34 -4.74 -14.41 16.67
N PRO A 35 -5.67 -13.94 17.54
CA PRO A 35 -5.43 -12.72 18.31
C PRO A 35 -4.33 -12.81 19.36
N MET A 36 -3.74 -11.66 19.69
CA MET A 36 -2.74 -11.60 20.75
CA MET A 36 -2.74 -11.58 20.75
C MET A 36 -3.42 -11.32 22.10
N ASP A 37 -4.33 -10.32 22.15
CA ASP A 37 -4.99 -9.88 23.39
C ASP A 37 -6.17 -10.81 23.69
N GLU A 38 -6.49 -10.91 24.99
CA GLU A 38 -7.73 -11.33 25.62
C GLU A 38 -8.91 -10.75 24.85
N PRO A 39 -10.04 -11.45 24.61
CA PRO A 39 -11.21 -10.78 24.05
C PRO A 39 -11.65 -9.59 24.90
N LYS A 40 -12.03 -8.49 24.24
CA LYS A 40 -12.63 -7.34 24.92
C LYS A 40 -13.95 -6.95 24.25
N THR A 41 -14.79 -6.19 24.96
CA THR A 41 -16.03 -5.73 24.35
C THR A 41 -15.91 -4.26 24.01
N VAL A 42 -16.82 -3.75 23.20
CA VAL A 42 -16.89 -2.34 22.91
C VAL A 42 -17.15 -1.55 24.22
N ALA A 43 -17.92 -2.15 25.11
CA ALA A 43 -18.26 -1.42 26.34
C ALA A 43 -17.04 -1.24 27.24
N ASP A 44 -16.02 -2.10 27.08
CA ASP A 44 -14.77 -1.98 27.83
C ASP A 44 -13.96 -0.75 27.41
N ILE A 45 -14.18 -0.23 26.20
CA ILE A 45 -13.27 0.73 25.59
C ILE A 45 -13.72 2.13 25.98
N PRO A 46 -12.78 3.01 26.45
CA PRO A 46 -13.15 4.35 26.84
C PRO A 46 -13.98 5.07 25.78
N GLU A 47 -15.07 5.70 26.24
CA GLU A 47 -15.88 6.49 25.33
C GLU A 47 -15.29 7.88 25.04
N GLU A 48 -14.43 8.42 25.95
CA GLU A 48 -13.81 9.72 25.82
CA GLU A 48 -13.84 9.73 25.75
C GLU A 48 -12.53 9.60 24.99
N PRO A 49 -12.19 10.60 24.14
CA PRO A 49 -10.94 10.59 23.41
C PRO A 49 -9.74 10.46 24.36
N TYR A 50 -8.66 9.92 23.81
CA TYR A 50 -7.43 9.79 24.61
C TYR A 50 -6.97 11.17 25.04
N PRO A 51 -6.45 11.35 26.26
CA PRO A 51 -5.95 12.66 26.69
C PRO A 51 -4.88 13.25 25.78
N ILE A 52 -4.94 14.56 25.57
CA ILE A 52 -3.90 15.24 24.82
C ILE A 52 -3.70 16.61 25.45
N ALA A 53 -2.49 17.17 25.25
CA ALA A 53 -2.10 18.40 25.92
C ALA A 53 -3.12 19.48 25.61
N SER A 54 -3.27 20.43 26.54
CA SER A 54 -4.34 21.42 26.51
C SER A 54 -4.21 22.38 25.32
N THR A 55 -3.01 22.51 24.73
CA THR A 55 -2.81 23.42 23.61
C THR A 55 -3.33 22.80 22.31
N PHE A 56 -3.66 21.49 22.36
CA PHE A 56 -4.07 20.76 21.16
C PHE A 56 -5.51 20.27 21.25
N GLU A 57 -6.11 19.91 20.12
CA GLU A 57 -7.42 19.31 20.10
C GLU A 57 -7.47 18.22 19.01
N TRP A 58 -8.31 17.21 19.25
CA TRP A 58 -8.63 16.21 18.24
C TRP A 58 -9.54 16.83 17.20
N TRP A 59 -9.34 16.46 15.94
CA TRP A 59 -10.21 16.89 14.86
C TRP A 59 -10.47 15.70 13.93
N THR A 60 -11.72 15.51 13.55
CA THR A 60 -12.12 14.54 12.54
C THR A 60 -12.41 15.26 11.23
N PRO A 61 -11.47 15.27 10.25
CA PRO A 61 -11.68 15.98 8.99
C PRO A 61 -12.81 15.31 8.20
N ASN A 62 -13.46 16.10 7.34
CA ASN A 62 -14.41 15.54 6.40
C ASN A 62 -13.73 15.29 5.05
N MET A 63 -13.38 14.03 4.81
CA MET A 63 -12.45 13.72 3.73
C MET A 63 -13.19 13.69 2.39
N GLU A 64 -14.47 14.12 2.44
CA GLU A 64 -15.34 14.36 1.30
CA GLU A 64 -15.26 14.37 1.24
C GLU A 64 -15.63 15.86 1.16
N ALA A 65 -14.97 16.69 1.98
CA ALA A 65 -15.02 18.14 1.78
C ALA A 65 -13.69 18.55 1.18
N ALA A 66 -13.74 19.16 -0.02
CA ALA A 66 -12.56 19.61 -0.74
C ALA A 66 -11.57 20.33 0.18
N ASP A 67 -12.06 21.21 1.08
CA ASP A 67 -11.12 22.03 1.82
C ASP A 67 -10.43 21.22 2.92
N ASP A 68 -11.16 20.27 3.53
CA ASP A 68 -10.54 19.42 4.55
C ASP A 68 -9.51 18.52 3.89
N ILE A 69 -9.83 18.00 2.69
CA ILE A 69 -8.81 17.26 1.93
C ILE A 69 -7.61 18.14 1.64
N HIS A 70 -7.82 19.40 1.27
CA HIS A 70 -6.70 20.30 1.01
C HIS A 70 -5.80 20.48 2.22
N ALA A 71 -6.38 20.62 3.42
CA ALA A 71 -5.61 20.79 4.64
C ALA A 71 -4.73 19.56 4.92
N ILE A 72 -5.30 18.35 4.76
CA ILE A 72 -4.51 17.13 4.94
C ILE A 72 -3.45 17.07 3.84
N TYR A 73 -3.83 17.41 2.59
CA TYR A 73 -2.89 17.45 1.49
C TYR A 73 -1.65 18.29 1.84
N GLU A 74 -1.86 19.49 2.42
CA GLU A 74 -0.75 20.38 2.70
CA GLU A 74 -0.72 20.35 2.66
C GLU A 74 0.17 19.78 3.77
N LEU A 75 -0.47 19.21 4.83
CA LEU A 75 0.31 18.59 5.91
C LEU A 75 1.22 17.52 5.30
N LEU A 76 0.63 16.66 4.47
CA LEU A 76 1.46 15.59 3.93
C LEU A 76 2.50 16.09 2.92
N ARG A 77 2.13 17.02 2.04
CA ARG A 77 3.07 17.60 1.09
C ARG A 77 4.36 18.08 1.80
N ASP A 78 4.19 18.72 2.96
CA ASP A 78 5.31 19.38 3.62
C ASP A 78 5.99 18.50 4.67
N ASN A 79 5.33 17.38 5.09
CA ASN A 79 5.80 16.66 6.28
C ASN A 79 5.74 15.14 6.14
N TYR A 80 5.37 14.58 4.98
CA TYR A 80 5.25 13.12 4.88
C TYR A 80 6.58 12.49 4.45
N VAL A 81 6.54 11.24 3.98
CA VAL A 81 7.77 10.44 3.91
C VAL A 81 8.81 11.07 2.97
N GLU A 82 10.03 11.14 3.45
CA GLU A 82 11.16 11.64 2.63
C GLU A 82 12.31 10.65 2.74
N ASP A 83 13.18 10.62 1.75
CA ASP A 83 14.35 9.76 1.85
C ASP A 83 15.30 10.33 2.92
N ASP A 84 16.33 9.56 3.32
CA ASP A 84 17.24 10.02 4.36
C ASP A 84 18.12 11.20 3.92
N ASP A 85 18.29 11.36 2.60
CA ASP A 85 19.12 12.41 2.03
C ASP A 85 18.31 13.65 1.69
N SER A 86 17.02 13.64 2.08
CA SER A 86 16.10 14.74 1.84
C SER A 86 16.13 15.19 0.36
N MET A 87 16.04 14.24 -0.57
CA MET A 87 16.00 14.55 -1.99
CA MET A 87 16.00 14.53 -1.99
C MET A 87 14.56 14.58 -2.49
N PHE A 88 13.71 13.68 -1.95
CA PHE A 88 12.35 13.54 -2.49
C PHE A 88 11.39 13.36 -1.34
N ARG A 89 10.21 13.97 -1.46
CA ARG A 89 9.19 13.83 -0.43
C ARG A 89 7.86 13.52 -1.11
N PHE A 90 7.12 12.50 -0.61
CA PHE A 90 5.87 12.18 -1.31
C PHE A 90 4.95 13.39 -1.36
N ASN A 91 4.24 13.49 -2.52
CA ASN A 91 3.28 14.56 -2.74
C ASN A 91 1.98 13.95 -3.27
N TYR A 92 1.36 13.07 -2.47
CA TYR A 92 0.06 12.51 -2.85
C TYR A 92 -0.93 13.63 -3.18
N SER A 93 -1.65 13.49 -4.29
CA SER A 93 -2.56 14.57 -4.70
C SER A 93 -3.84 14.57 -3.86
N GLU A 94 -4.57 15.70 -3.91
CA GLU A 94 -5.86 15.80 -3.25
C GLU A 94 -6.84 14.73 -3.78
N GLU A 95 -6.82 14.50 -5.09
CA GLU A 95 -7.75 13.51 -5.62
C GLU A 95 -7.37 12.10 -5.17
N PHE A 96 -6.06 11.85 -5.07
CA PHE A 96 -5.63 10.53 -4.56
C PHE A 96 -6.09 10.35 -3.11
N LEU A 97 -5.90 11.39 -2.29
CA LEU A 97 -6.28 11.21 -0.89
C LEU A 97 -7.78 10.96 -0.76
N GLN A 98 -8.62 11.65 -1.56
CA GLN A 98 -10.05 11.38 -1.43
CA GLN A 98 -10.05 11.39 -1.45
C GLN A 98 -10.35 9.92 -1.80
N TRP A 99 -9.72 9.45 -2.88
CA TRP A 99 -9.86 8.07 -3.29
C TRP A 99 -9.43 7.07 -2.22
N ALA A 100 -8.27 7.31 -1.63
CA ALA A 100 -7.73 6.33 -0.70
C ALA A 100 -8.47 6.33 0.64
N LEU A 101 -8.97 7.50 1.05
CA LEU A 101 -9.47 7.54 2.40
CA LEU A 101 -9.50 7.77 2.37
C LEU A 101 -10.99 7.42 2.44
N CYS A 102 -11.68 7.41 1.28
CA CYS A 102 -13.13 7.26 1.31
CA CYS A 102 -13.13 7.25 1.31
C CYS A 102 -13.63 6.10 0.43
N PRO A 103 -13.19 4.85 0.66
CA PRO A 103 -13.69 3.72 -0.10
C PRO A 103 -15.10 3.39 0.40
N PRO A 104 -15.79 2.45 -0.25
CA PRO A 104 -17.13 2.07 0.19
C PRO A 104 -17.19 1.67 1.65
N ASN A 105 -18.22 2.20 2.31
CA ASN A 105 -18.45 1.92 3.73
C ASN A 105 -17.31 2.38 4.62
N TYR A 106 -16.57 3.41 4.19
CA TYR A 106 -15.58 3.95 5.10
C TYR A 106 -16.22 4.54 6.36
N ILE A 107 -15.42 4.63 7.43
CA ILE A 107 -15.90 5.14 8.71
CA ILE A 107 -15.87 5.12 8.73
C ILE A 107 -15.25 6.49 8.92
N PRO A 108 -16.01 7.61 8.89
CA PRO A 108 -15.36 8.91 9.03
C PRO A 108 -14.55 9.07 10.32
N ASP A 109 -15.04 8.45 11.40
CA ASP A 109 -14.39 8.59 12.68
C ASP A 109 -12.99 7.96 12.69
N TRP A 110 -12.67 7.12 11.70
CA TRP A 110 -11.32 6.55 11.64
C TRP A 110 -10.26 7.46 11.00
N HIS A 111 -10.63 8.66 10.52
CA HIS A 111 -9.69 9.68 10.07
C HIS A 111 -9.42 10.61 11.27
N VAL A 112 -8.21 10.57 11.81
CA VAL A 112 -7.91 11.19 13.10
C VAL A 112 -6.84 12.24 12.89
N ALA A 113 -7.14 13.51 13.29
CA ALA A 113 -6.16 14.59 13.19
C ALA A 113 -6.02 15.31 14.54
N VAL A 114 -4.86 15.94 14.72
CA VAL A 114 -4.59 16.85 15.83
C VAL A 114 -4.38 18.23 15.23
N ARG A 115 -5.00 19.25 15.86
CA ARG A 115 -4.79 20.64 15.49
C ARG A 115 -4.37 21.47 16.71
N ARG A 116 -3.65 22.59 16.51
CA ARG A 116 -3.32 23.53 17.58
CA ARG A 116 -3.31 23.53 17.58
C ARG A 116 -4.59 24.34 17.86
N LYS A 117 -5.04 24.38 19.14
CA LYS A 117 -6.37 24.92 19.44
CA LYS A 117 -6.36 24.91 19.42
C LYS A 117 -6.44 26.40 19.06
N ALA A 118 -5.37 27.15 19.33
CA ALA A 118 -5.38 28.59 19.13
C ALA A 118 -5.82 28.95 17.72
N ASP A 119 -5.03 28.53 16.73
CA ASP A 119 -5.15 29.01 15.35
C ASP A 119 -5.67 27.87 14.51
N LYS A 120 -5.58 26.67 15.09
CA LYS A 120 -6.06 25.48 14.41
C LYS A 120 -5.13 25.08 13.27
N LYS A 121 -3.81 25.27 13.38
CA LYS A 121 -2.91 24.68 12.40
C LYS A 121 -3.05 23.15 12.51
N LEU A 122 -3.08 22.43 11.38
CA LEU A 122 -3.05 20.96 11.42
C LEU A 122 -1.63 20.50 11.72
N LEU A 123 -1.45 19.65 12.75
CA LEU A 123 -0.16 19.27 13.28
C LEU A 123 0.13 17.78 13.03
N ALA A 124 -0.93 16.97 12.91
CA ALA A 124 -0.71 15.51 12.80
C ALA A 124 -1.95 14.81 12.27
N PHE A 125 -1.73 13.59 11.68
CA PHE A 125 -2.82 12.86 11.07
C PHE A 125 -2.50 11.38 11.08
N ILE A 126 -3.56 10.58 11.17
CA ILE A 126 -3.47 9.14 10.88
C ILE A 126 -4.82 8.70 10.31
N ALA A 127 -4.80 7.72 9.40
CA ALA A 127 -6.05 7.32 8.76
C ALA A 127 -6.24 5.81 8.80
N GLY A 128 -7.47 5.39 9.12
CA GLY A 128 -7.88 3.99 8.99
C GLY A 128 -9.01 3.85 7.96
N VAL A 129 -8.97 2.76 7.18
CA VAL A 129 -10.07 2.45 6.26
C VAL A 129 -10.38 0.97 6.43
N PRO A 130 -11.62 0.54 6.17
CA PRO A 130 -11.97 -0.87 6.26
C PRO A 130 -11.30 -1.67 5.13
N VAL A 131 -10.93 -2.90 5.46
CA VAL A 131 -10.49 -3.89 4.49
C VAL A 131 -10.98 -5.25 4.97
N THR A 132 -11.39 -6.09 4.00
CA THR A 132 -11.77 -7.46 4.32
C THR A 132 -10.58 -8.33 3.94
N LEU A 133 -9.94 -8.99 4.93
CA LEU A 133 -8.67 -9.62 4.62
C LEU A 133 -8.74 -11.10 4.98
N ARG A 134 -8.21 -11.98 4.09
CA ARG A 134 -7.84 -13.35 4.44
C ARG A 134 -6.53 -13.25 5.21
N MET A 135 -6.53 -13.76 6.45
CA MET A 135 -5.40 -13.64 7.35
C MET A 135 -5.37 -14.87 8.28
N GLY A 136 -5.87 -15.97 7.73
CA GLY A 136 -5.81 -17.24 8.49
C GLY A 136 -4.43 -17.88 8.34
N THR A 137 -4.22 -18.97 9.10
CA THR A 137 -2.93 -19.65 9.05
C THR A 137 -2.48 -19.93 7.62
N PRO A 138 -1.20 -19.62 7.31
CA PRO A 138 -0.65 -19.85 5.98
C PRO A 138 -0.60 -21.33 5.56
N LYS A 139 -0.49 -21.55 4.24
CA LYS A 139 -0.58 -22.89 3.67
C LYS A 139 0.46 -23.84 4.29
N TYR A 140 1.74 -23.41 4.37
CA TYR A 140 2.84 -24.23 4.87
C TYR A 140 2.54 -24.68 6.30
N MET A 141 1.98 -23.77 7.11
CA MET A 141 1.71 -24.08 8.52
C MET A 141 0.45 -24.92 8.71
N LYS A 142 -0.53 -24.82 7.79
CA LYS A 142 -1.67 -25.74 7.81
C LYS A 142 -1.24 -27.18 7.50
N VAL A 143 -0.23 -27.35 6.62
CA VAL A 143 0.29 -28.68 6.30
C VAL A 143 0.92 -29.28 7.55
N LYS A 144 1.80 -28.52 8.22
CA LYS A 144 2.42 -29.03 9.43
C LYS A 144 1.34 -29.37 10.45
N ALA A 145 0.27 -28.58 10.50
CA ALA A 145 -0.73 -28.77 11.54
C ALA A 145 -1.52 -30.05 11.27
N GLN A 146 -1.83 -30.31 10.00
CA GLN A 146 -2.42 -31.58 9.59
C GLN A 146 -1.51 -32.77 9.95
N GLU A 147 -0.18 -32.63 9.77
CA GLU A 147 0.74 -33.70 10.08
C GLU A 147 0.52 -34.10 11.54
N LYS A 148 0.30 -33.08 12.38
CA LYS A 148 0.37 -33.15 13.82
C LYS A 148 -0.98 -33.30 14.50
N GLY A 149 -2.10 -33.36 13.76
CA GLY A 149 -3.38 -33.49 14.44
C GLY A 149 -3.98 -32.19 14.99
N GLU A 150 -3.54 -31.04 14.43
CA GLU A 150 -3.83 -29.72 14.98
C GLU A 150 -4.57 -28.88 13.93
N GLY A 151 -5.23 -29.56 13.01
CA GLY A 151 -5.96 -28.84 11.97
C GLY A 151 -7.06 -27.91 12.47
N GLU A 152 -7.72 -28.25 13.57
CA GLU A 152 -8.84 -27.46 14.05
CA GLU A 152 -8.83 -27.48 14.11
C GLU A 152 -8.33 -26.09 14.55
N GLU A 153 -7.24 -26.10 15.31
CA GLU A 153 -6.66 -24.85 15.79
CA GLU A 153 -6.58 -24.89 15.79
C GLU A 153 -6.16 -24.03 14.61
N ALA A 154 -5.59 -24.69 13.60
CA ALA A 154 -4.98 -23.98 12.47
C ALA A 154 -6.03 -23.33 11.60
N ALA A 155 -7.26 -23.84 11.63
CA ALA A 155 -8.30 -23.33 10.73
C ALA A 155 -9.26 -22.36 11.40
N LYS A 156 -9.06 -22.09 12.69
CA LYS A 156 -10.07 -21.39 13.47
CA LYS A 156 -10.07 -21.39 13.47
C LYS A 156 -10.40 -20.03 12.85
N TYR A 157 -9.36 -19.34 12.32
CA TYR A 157 -9.49 -17.97 11.85
CA TYR A 157 -9.51 -17.98 11.84
C TYR A 157 -9.37 -17.88 10.32
N ASP A 158 -9.85 -18.90 9.62
CA ASP A 158 -9.79 -18.90 8.16
C ASP A 158 -10.77 -17.94 7.49
N GLU A 159 -11.92 -17.61 8.12
CA GLU A 159 -12.92 -16.73 7.53
CA GLU A 159 -12.89 -16.76 7.45
C GLU A 159 -12.30 -15.36 7.28
N PRO A 160 -12.48 -14.74 6.08
CA PRO A 160 -12.00 -13.36 5.85
C PRO A 160 -12.58 -12.46 6.94
N ARG A 161 -11.72 -11.58 7.45
CA ARG A 161 -12.07 -10.75 8.60
C ARG A 161 -12.19 -9.27 8.15
N HIS A 162 -13.18 -8.55 8.66
CA HIS A 162 -13.38 -7.13 8.46
C HIS A 162 -12.52 -6.36 9.47
N ILE A 163 -11.37 -5.81 9.02
CA ILE A 163 -10.42 -5.15 9.91
C ILE A 163 -10.14 -3.73 9.41
N CYS A 164 -9.10 -3.11 9.99
CA CYS A 164 -8.72 -1.74 9.67
C CYS A 164 -7.37 -1.77 8.96
N GLU A 165 -7.24 -1.02 7.84
CA GLU A 165 -5.90 -0.76 7.32
C GLU A 165 -5.48 0.66 7.68
N ILE A 166 -4.30 0.83 8.29
CA ILE A 166 -3.79 2.14 8.67
C ILE A 166 -2.78 2.69 7.66
N ASN A 167 -2.83 4.01 7.38
CA ASN A 167 -1.87 4.64 6.47
C ASN A 167 -1.86 6.14 6.79
N PHE A 168 -0.88 6.84 6.19
CA PHE A 168 -0.79 8.30 6.26
C PHE A 168 -0.54 8.82 7.67
N LEU A 169 0.16 8.03 8.51
CA LEU A 169 0.61 8.57 9.79
C LEU A 169 1.62 9.70 9.53
N CYS A 170 1.38 10.89 10.11
CA CYS A 170 2.28 12.00 9.87
C CYS A 170 2.25 12.98 11.04
N VAL A 171 3.45 13.38 11.51
CA VAL A 171 3.55 14.45 12.48
C VAL A 171 4.37 15.59 11.85
N HIS A 172 3.86 16.84 12.05
CA HIS A 172 4.51 18.03 11.52
C HIS A 172 5.98 18.01 11.94
N LYS A 173 6.88 18.44 11.04
CA LYS A 173 8.32 18.44 11.32
C LYS A 173 8.68 19.20 12.60
N GLN A 174 7.96 20.29 12.90
CA GLN A 174 8.28 21.06 14.11
C GLN A 174 7.93 20.30 15.39
N LEU A 175 7.15 19.21 15.31
CA LEU A 175 6.71 18.54 16.52
CA LEU A 175 6.68 18.51 16.50
C LEU A 175 7.30 17.12 16.62
N ARG A 176 8.34 16.83 15.82
CA ARG A 176 8.96 15.51 15.82
C ARG A 176 9.63 15.17 17.14
N GLU A 177 9.59 13.88 17.52
CA GLU A 177 10.33 13.32 18.64
C GLU A 177 9.78 13.84 19.96
N LYS A 178 8.49 14.17 19.97
CA LYS A 178 7.81 14.60 21.18
C LYS A 178 6.80 13.56 21.68
N ARG A 179 6.89 12.31 21.18
CA ARG A 179 5.94 11.27 21.56
C ARG A 179 4.49 11.56 21.16
N LEU A 180 4.27 12.30 20.06
CA LEU A 180 2.91 12.52 19.57
C LEU A 180 2.43 11.30 18.75
N ALA A 181 3.33 10.61 18.02
CA ALA A 181 2.84 9.48 17.20
C ALA A 181 2.18 8.40 18.05
N PRO A 182 2.72 7.97 19.20
CA PRO A 182 2.00 7.03 20.05
C PRO A 182 0.58 7.47 20.42
N ILE A 183 0.38 8.77 20.70
CA ILE A 183 -0.94 9.26 21.07
C ILE A 183 -1.90 9.12 19.89
N LEU A 184 -1.47 9.47 18.68
CA LEU A 184 -2.33 9.30 17.50
CA LEU A 184 -2.29 9.29 17.48
C LEU A 184 -2.67 7.81 17.32
N ILE A 185 -1.70 6.93 17.51
CA ILE A 185 -1.92 5.50 17.35
C ILE A 185 -2.95 5.02 18.37
N LYS A 186 -2.78 5.44 19.64
CA LYS A 186 -3.71 5.01 20.68
CA LYS A 186 -3.70 5.02 20.69
C LYS A 186 -5.12 5.51 20.44
N GLU A 187 -5.26 6.77 19.96
CA GLU A 187 -6.59 7.27 19.68
C GLU A 187 -7.22 6.56 18.47
N ALA A 188 -6.40 6.30 17.45
CA ALA A 188 -6.95 5.52 16.33
C ALA A 188 -7.41 4.15 16.80
N THR A 189 -6.59 3.49 17.65
CA THR A 189 -6.95 2.16 18.12
C THR A 189 -8.29 2.22 18.87
N ARG A 190 -8.45 3.24 19.69
CA ARG A 190 -9.70 3.40 20.47
C ARG A 190 -10.91 3.57 19.53
N ARG A 191 -10.76 4.39 18.50
CA ARG A 191 -11.92 4.62 17.63
C ARG A 191 -12.24 3.36 16.83
N VAL A 192 -11.22 2.60 16.43
CA VAL A 192 -11.48 1.35 15.74
C VAL A 192 -12.17 0.35 16.67
N ASN A 193 -11.62 0.21 17.90
CA ASN A 193 -12.15 -0.76 18.85
C ASN A 193 -13.60 -0.43 19.23
N ARG A 194 -13.95 0.86 19.23
CA ARG A 194 -15.31 1.31 19.54
CA ARG A 194 -15.31 1.31 19.54
C ARG A 194 -16.27 0.86 18.44
N THR A 195 -15.71 0.49 17.28
CA THR A 195 -16.56 -0.03 16.21
C THR A 195 -16.48 -1.56 16.13
N ASN A 196 -15.97 -2.20 17.18
CA ASN A 196 -15.89 -3.64 17.31
C ASN A 196 -14.94 -4.27 16.29
N VAL A 197 -13.84 -3.55 16.01
CA VAL A 197 -12.76 -4.14 15.21
C VAL A 197 -11.49 -4.12 16.05
N TRP A 198 -10.76 -5.24 16.01
CA TRP A 198 -9.71 -5.54 16.99
C TRP A 198 -8.36 -5.85 16.34
N GLN A 199 -8.30 -5.88 14.99
CA GLN A 199 -7.05 -6.08 14.25
C GLN A 199 -6.84 -4.93 13.26
N ALA A 200 -5.54 -4.64 12.97
CA ALA A 200 -5.25 -3.75 11.85
C ALA A 200 -4.09 -4.35 11.07
N VAL A 201 -3.99 -3.93 9.80
CA VAL A 201 -2.83 -4.22 8.98
C VAL A 201 -2.20 -2.89 8.56
N TYR A 202 -0.87 -2.85 8.53
CA TYR A 202 -0.15 -1.61 8.18
C TYR A 202 1.20 -1.99 7.58
N THR A 203 1.79 -1.03 6.88
CA THR A 203 3.13 -1.27 6.32
C THR A 203 3.97 -0.06 6.71
N ALA A 204 5.28 -0.27 6.76
CA ALA A 204 6.19 0.88 6.88
C ALA A 204 7.52 0.50 6.22
N GLY A 205 8.29 1.53 5.85
CA GLY A 205 9.66 1.30 5.37
C GLY A 205 10.63 1.08 6.52
N VAL A 206 10.26 1.48 7.72
CA VAL A 206 11.13 1.29 8.88
C VAL A 206 10.84 -0.04 9.56
N LEU A 207 11.86 -0.53 10.28
CA LEU A 207 11.74 -1.76 11.03
C LEU A 207 11.21 -1.48 12.43
N LEU A 208 10.02 -2.02 12.72
CA LEU A 208 9.33 -1.93 13.99
C LEU A 208 9.09 -3.34 14.50
N PRO A 209 8.71 -3.52 15.78
CA PRO A 209 8.28 -4.85 16.22
C PRO A 209 6.87 -5.16 15.69
N THR A 210 6.70 -6.27 14.94
CA THR A 210 7.72 -7.07 14.25
C THR A 210 7.04 -7.49 12.93
N PRO A 211 7.70 -7.39 11.74
CA PRO A 211 6.96 -7.70 10.51
C PRO A 211 6.62 -9.19 10.39
N TYR A 212 5.49 -9.51 9.78
CA TYR A 212 5.22 -10.89 9.38
C TYR A 212 5.77 -11.12 7.98
N ALA A 213 6.08 -10.04 7.23
CA ALA A 213 6.67 -10.24 5.90
C ALA A 213 7.44 -8.99 5.53
N SER A 214 8.46 -9.11 4.66
CA SER A 214 9.21 -7.95 4.21
CA SER A 214 9.24 -7.97 4.22
C SER A 214 9.63 -8.19 2.76
N GLY A 215 9.55 -7.13 1.95
CA GLY A 215 10.00 -7.30 0.58
C GLY A 215 10.78 -6.08 0.12
N GLN A 216 11.69 -6.28 -0.83
CA GLN A 216 12.40 -5.16 -1.41
C GLN A 216 11.46 -4.41 -2.37
N TYR A 217 11.73 -3.10 -2.48
CA TYR A 217 11.21 -2.29 -3.58
C TYR A 217 12.02 -2.49 -4.85
N PHE A 218 11.31 -2.35 -5.99
CA PHE A 218 11.92 -2.45 -7.31
C PHE A 218 11.47 -1.24 -8.12
N HIS A 219 12.36 -0.76 -9.00
CA HIS A 219 12.06 0.40 -9.85
CA HIS A 219 12.05 0.40 -9.85
C HIS A 219 12.38 0.03 -11.28
N ARG A 220 11.60 0.59 -12.21
CA ARG A 220 11.88 0.44 -13.63
C ARG A 220 11.91 1.84 -14.21
N SER A 221 13.10 2.24 -14.71
CA SER A 221 13.25 3.58 -15.27
CA SER A 221 13.27 3.57 -15.28
C SER A 221 12.45 3.73 -16.55
N LEU A 222 11.69 4.85 -16.64
CA LEU A 222 10.94 5.16 -17.85
C LEU A 222 11.54 6.37 -18.55
N ASN A 223 12.10 7.31 -17.77
CA ASN A 223 12.68 8.56 -18.26
C ASN A 223 14.07 8.67 -17.62
N PRO A 224 15.06 7.89 -18.11
CA PRO A 224 16.34 7.82 -17.42
C PRO A 224 17.07 9.17 -17.37
N GLU A 225 16.92 10.03 -18.39
CA GLU A 225 17.66 11.28 -18.37
C GLU A 225 17.24 12.11 -17.16
N LYS A 226 15.93 12.13 -16.89
CA LYS A 226 15.42 12.88 -15.76
C LYS A 226 15.86 12.24 -14.45
N LEU A 227 15.73 10.91 -14.36
CA LEU A 227 16.07 10.21 -13.13
C LEU A 227 17.53 10.43 -12.75
N VAL A 228 18.43 10.48 -13.74
CA VAL A 228 19.85 10.71 -13.45
C VAL A 228 20.07 12.15 -13.01
N GLU A 229 19.45 13.08 -13.72
CA GLU A 229 19.53 14.51 -13.40
C GLU A 229 19.15 14.77 -11.94
N ILE A 230 18.08 14.10 -11.45
CA ILE A 230 17.58 14.44 -10.12
C ILE A 230 18.20 13.53 -9.07
N ARG A 231 19.07 12.61 -9.52
CA ARG A 231 19.86 11.73 -8.68
C ARG A 231 18.96 10.72 -7.98
N PHE A 232 17.80 10.42 -8.61
CA PHE A 232 17.06 9.23 -8.22
C PHE A 232 17.86 7.99 -8.63
N SER A 233 18.48 8.08 -9.82
CA SER A 233 19.25 7.03 -10.46
CA SER A 233 19.28 6.99 -10.35
C SER A 233 20.70 7.50 -10.61
N GLY A 234 21.64 6.56 -10.66
CA GLY A 234 23.00 6.84 -11.08
C GLY A 234 23.26 6.24 -12.46
N ILE A 235 24.20 6.83 -13.24
CA ILE A 235 24.76 6.09 -14.36
C ILE A 235 25.66 5.02 -13.76
N PRO A 236 25.35 3.72 -13.92
CA PRO A 236 26.15 2.61 -13.37
C PRO A 236 27.53 2.44 -14.02
N ALA A 237 28.48 1.90 -13.24
CA ALA A 237 29.90 2.02 -13.56
C ALA A 237 30.24 1.44 -14.93
N GLN A 238 29.61 0.33 -15.30
CA GLN A 238 29.95 -0.34 -16.54
C GLN A 238 29.63 0.53 -17.75
N TYR A 239 28.68 1.46 -17.61
CA TYR A 239 28.34 2.30 -18.75
C TYR A 239 29.53 3.21 -19.09
N GLN A 240 30.55 3.27 -18.20
CA GLN A 240 31.70 4.12 -18.47
C GLN A 240 32.62 3.53 -19.55
N LYS A 241 32.38 2.27 -19.93
CA LYS A 241 33.09 1.63 -21.03
C LYS A 241 32.61 2.20 -22.36
N PHE A 242 31.56 3.05 -22.35
CA PHE A 242 30.95 3.51 -23.59
C PHE A 242 31.36 4.95 -23.88
N GLN A 243 31.39 5.31 -25.17
CA GLN A 243 31.68 6.68 -25.56
C GLN A 243 30.59 7.65 -25.05
N ASN A 244 29.31 7.18 -25.06
CA ASN A 244 28.21 8.05 -24.64
C ASN A 244 27.35 7.27 -23.65
N PRO A 245 27.76 7.27 -22.36
CA PRO A 245 27.06 6.50 -21.35
C PRO A 245 25.57 6.80 -21.31
N MET A 246 25.19 8.10 -21.34
CA MET A 246 23.78 8.45 -21.22
C MET A 246 22.98 7.94 -22.40
N ALA A 247 23.55 7.99 -23.61
CA ALA A 247 22.83 7.52 -24.77
C ALA A 247 22.52 6.02 -24.66
N MET A 248 23.49 5.26 -24.14
CA MET A 248 23.32 3.83 -24.00
C MET A 248 22.32 3.54 -22.88
N LEU A 249 22.32 4.36 -21.81
CA LEU A 249 21.32 4.21 -20.77
C LEU A 249 19.91 4.44 -21.33
N LYS A 250 19.76 5.48 -22.15
CA LYS A 250 18.43 5.73 -22.71
C LYS A 250 17.97 4.58 -23.58
N ARG A 251 18.87 4.05 -24.43
CA ARG A 251 18.57 2.94 -25.32
C ARG A 251 18.21 1.71 -24.50
N ASN A 252 18.89 1.49 -23.36
CA ASN A 252 18.62 0.35 -22.48
CA ASN A 252 18.58 0.29 -22.62
C ASN A 252 17.16 0.32 -22.04
N TYR A 253 16.58 1.51 -21.79
CA TYR A 253 15.27 1.52 -21.13
C TYR A 253 14.16 1.94 -22.11
N GLN A 254 14.50 2.05 -23.40
CA GLN A 254 13.56 2.46 -24.44
CA GLN A 254 13.51 2.51 -24.36
C GLN A 254 12.36 1.52 -24.45
N LEU A 255 11.15 2.07 -24.70
CA LEU A 255 9.93 1.27 -24.76
C LEU A 255 9.16 1.58 -26.05
N PRO A 256 8.30 0.63 -26.51
CA PRO A 256 7.30 0.92 -27.55
C PRO A 256 6.45 2.13 -27.18
N SER A 257 5.98 2.85 -28.20
CA SER A 257 5.13 4.01 -27.99
C SER A 257 3.64 3.64 -27.99
N ALA A 258 3.27 2.38 -28.31
CA ALA A 258 1.91 1.85 -28.35
C ALA A 258 1.85 0.46 -27.70
N PRO A 259 0.79 0.12 -26.93
CA PRO A 259 0.63 -1.23 -26.38
C PRO A 259 0.71 -2.31 -27.43
N LYS A 260 1.21 -3.48 -27.02
CA LYS A 260 1.35 -4.62 -27.90
C LYS A 260 0.13 -5.53 -27.90
N ASN A 261 -0.64 -5.50 -26.85
CA ASN A 261 -1.76 -6.46 -26.82
C ASN A 261 -3.04 -5.98 -27.51
N SER A 262 -3.48 -6.64 -28.57
N SER A 262 -3.18 -6.79 -28.58
CA SER A 262 -4.38 -5.86 -29.44
CA SER A 262 -4.50 -7.09 -29.13
C SER A 262 -5.74 -5.45 -28.81
C SER A 262 -5.48 -7.29 -27.98
N GLY A 263 -6.25 -6.25 -27.88
CA GLY A 263 -7.53 -6.06 -27.21
C GLY A 263 -7.42 -5.11 -26.02
N LEU A 264 -6.26 -4.44 -25.83
CA LEU A 264 -6.11 -3.63 -24.61
C LEU A 264 -6.95 -2.37 -24.70
N ARG A 265 -7.65 -2.03 -23.60
CA ARG A 265 -8.45 -0.81 -23.52
C ARG A 265 -8.68 -0.45 -22.04
N GLU A 266 -9.14 0.77 -21.77
CA GLU A 266 -9.40 1.13 -20.38
C GLU A 266 -10.60 0.35 -19.86
N MET A 267 -10.58 0.09 -18.54
CA MET A 267 -11.67 -0.60 -17.86
C MET A 267 -12.90 0.34 -17.84
N LYS A 268 -14.07 -0.30 -17.95
CA LYS A 268 -15.31 0.44 -17.80
CA LYS A 268 -15.37 0.36 -17.88
C LYS A 268 -16.23 -0.28 -16.81
N PRO A 269 -17.31 0.40 -16.33
CA PRO A 269 -18.16 -0.19 -15.27
C PRO A 269 -18.67 -1.60 -15.55
N SER A 270 -18.99 -1.89 -16.82
CA SER A 270 -19.52 -3.22 -17.17
C SER A 270 -18.50 -4.34 -16.99
N ASP A 271 -17.22 -3.97 -16.85
CA ASP A 271 -16.17 -4.98 -16.67
C ASP A 271 -16.08 -5.38 -15.20
N VAL A 272 -16.73 -4.68 -14.28
CA VAL A 272 -16.50 -4.94 -12.84
C VAL A 272 -16.70 -6.40 -12.48
N PRO A 273 -17.80 -7.09 -12.86
CA PRO A 273 -17.98 -8.49 -12.43
C PRO A 273 -16.86 -9.41 -12.93
N GLN A 274 -16.42 -9.29 -14.19
CA GLN A 274 -15.41 -10.18 -14.73
CA GLN A 274 -15.40 -10.13 -14.80
C GLN A 274 -14.05 -9.86 -14.10
N VAL A 275 -13.76 -8.57 -13.88
CA VAL A 275 -12.48 -8.22 -13.24
C VAL A 275 -12.48 -8.75 -11.80
N ARG A 276 -13.60 -8.60 -11.08
CA ARG A 276 -13.71 -9.15 -9.73
CA ARG A 276 -13.71 -9.15 -9.73
C ARG A 276 -13.44 -10.65 -9.74
N ARG A 277 -14.03 -11.37 -10.70
CA ARG A 277 -13.88 -12.83 -10.78
C ARG A 277 -12.42 -13.26 -11.01
N ILE A 278 -11.77 -12.69 -12.03
CA ILE A 278 -10.41 -13.15 -12.30
C ILE A 278 -9.45 -12.67 -11.22
N LEU A 279 -9.69 -11.46 -10.67
CA LEU A 279 -8.82 -11.05 -9.56
C LEU A 279 -8.97 -11.95 -8.34
N MET A 280 -10.21 -12.28 -8.00
CA MET A 280 -10.40 -13.02 -6.75
CA MET A 280 -10.48 -13.06 -6.78
C MET A 280 -9.86 -14.44 -6.92
N ASN A 281 -9.97 -15.03 -8.12
CA ASN A 281 -9.40 -16.36 -8.32
CA ASN A 281 -9.40 -16.35 -8.37
C ASN A 281 -7.89 -16.33 -8.14
N TYR A 282 -7.25 -15.24 -8.61
CA TYR A 282 -5.81 -15.10 -8.51
C TYR A 282 -5.40 -14.85 -7.07
N LEU A 283 -6.07 -13.93 -6.38
CA LEU A 283 -5.57 -13.52 -5.06
C LEU A 283 -5.78 -14.65 -4.06
N ASP A 284 -6.73 -15.55 -4.36
CA ASP A 284 -7.06 -16.67 -3.50
CA ASP A 284 -7.05 -16.58 -3.39
C ASP A 284 -5.87 -17.58 -3.22
N SER A 285 -4.89 -17.60 -4.16
CA SER A 285 -3.73 -18.46 -4.09
CA SER A 285 -3.72 -18.46 -4.09
C SER A 285 -2.71 -18.00 -3.05
N PHE A 286 -2.86 -16.78 -2.54
CA PHE A 286 -1.88 -16.21 -1.61
C PHE A 286 -2.37 -16.33 -0.17
N ASP A 287 -1.44 -16.39 0.80
CA ASP A 287 -1.80 -16.60 2.18
C ASP A 287 -2.46 -15.37 2.81
N VAL A 288 -1.98 -14.14 2.47
CA VAL A 288 -2.62 -12.94 3.00
C VAL A 288 -3.13 -12.13 1.80
N GLY A 289 -4.40 -11.78 1.82
CA GLY A 289 -4.92 -11.09 0.64
C GLY A 289 -6.28 -10.50 0.90
N PRO A 290 -6.68 -9.44 0.18
CA PRO A 290 -8.00 -8.84 0.38
C PRO A 290 -9.09 -9.60 -0.39
N VAL A 291 -10.31 -9.38 0.09
CA VAL A 291 -11.50 -9.83 -0.60
C VAL A 291 -12.31 -8.59 -0.92
N PHE A 292 -12.73 -8.43 -2.20
CA PHE A 292 -13.37 -7.20 -2.61
C PHE A 292 -14.80 -7.47 -3.05
N SER A 293 -15.69 -6.57 -2.65
CA SER A 293 -17.05 -6.50 -3.18
C SER A 293 -17.04 -5.86 -4.56
N ASP A 294 -18.17 -5.96 -5.28
CA ASP A 294 -18.30 -5.25 -6.55
C ASP A 294 -18.04 -3.75 -6.32
N ALA A 295 -18.58 -3.18 -5.23
CA ALA A 295 -18.42 -1.76 -4.98
C ALA A 295 -16.96 -1.43 -4.76
N GLU A 296 -16.22 -2.33 -4.09
CA GLU A 296 -14.83 -2.04 -3.86
C GLU A 296 -13.99 -2.20 -5.12
N ILE A 297 -14.29 -3.21 -5.98
CA ILE A 297 -13.63 -3.31 -7.28
C ILE A 297 -13.85 -2.01 -8.08
N SER A 298 -15.08 -1.55 -8.13
CA SER A 298 -15.43 -0.32 -8.82
CA SER A 298 -15.41 -0.34 -8.83
C SER A 298 -14.59 0.83 -8.27
N HIS A 299 -14.56 0.97 -6.94
CA HIS A 299 -13.88 2.12 -6.36
C HIS A 299 -12.36 2.05 -6.59
N TYR A 300 -11.78 0.87 -6.34
CA TYR A 300 -10.32 0.84 -6.37
C TYR A 300 -9.73 0.63 -7.77
N LEU A 301 -10.53 0.21 -8.76
CA LEU A 301 -9.98 -0.13 -10.08
C LEU A 301 -10.55 0.72 -11.21
N LEU A 302 -11.74 1.32 -11.09
CA LEU A 302 -12.14 2.05 -12.31
C LEU A 302 -11.24 3.28 -12.48
N PRO A 303 -10.88 3.64 -13.73
CA PRO A 303 -9.98 4.76 -13.98
C PRO A 303 -10.45 6.06 -13.33
N ARG A 304 -9.51 6.75 -12.69
CA ARG A 304 -9.75 8.09 -12.09
C ARG A 304 -8.60 8.99 -12.52
N ASP A 305 -8.91 10.11 -13.16
CA ASP A 305 -7.83 10.91 -13.74
C ASP A 305 -6.80 11.38 -12.70
N GLY A 306 -5.53 11.21 -13.05
CA GLY A 306 -4.40 11.51 -12.25
C GLY A 306 -4.19 10.57 -11.06
N VAL A 307 -5.06 9.56 -10.87
CA VAL A 307 -4.98 8.77 -9.63
C VAL A 307 -4.73 7.30 -9.98
N VAL A 308 -5.70 6.65 -10.63
CA VAL A 308 -5.56 5.21 -10.89
C VAL A 308 -5.93 4.98 -12.35
N PHE A 309 -5.19 4.04 -12.92
CA PHE A 309 -5.19 3.76 -14.35
C PHE A 309 -5.34 2.27 -14.52
N THR A 310 -6.39 1.81 -15.21
CA THR A 310 -6.66 0.37 -15.25
C THR A 310 -7.10 -0.01 -16.66
N TYR A 311 -6.45 -1.06 -17.15
CA TYR A 311 -6.66 -1.53 -18.51
C TYR A 311 -7.04 -3.00 -18.46
N VAL A 312 -7.93 -3.39 -19.38
CA VAL A 312 -8.31 -4.78 -19.53
C VAL A 312 -7.90 -5.27 -20.93
N VAL A 313 -7.62 -6.58 -21.03
CA VAL A 313 -7.47 -7.19 -22.35
C VAL A 313 -8.79 -7.85 -22.66
N GLU A 314 -9.45 -7.38 -23.73
CA GLU A 314 -10.73 -7.96 -24.06
C GLU A 314 -10.55 -8.76 -25.36
N ASN A 315 -10.77 -10.09 -25.29
CA ASN A 315 -10.64 -11.01 -26.42
C ASN A 315 -11.96 -11.73 -26.64
N ASP A 316 -12.44 -11.73 -27.90
CA ASP A 316 -13.74 -12.29 -28.26
C ASP A 316 -14.77 -11.77 -27.28
N LYS A 317 -14.74 -10.44 -27.07
CA LYS A 317 -15.67 -9.71 -26.23
C LYS A 317 -15.62 -10.16 -24.76
N LYS A 318 -14.57 -10.88 -24.35
CA LYS A 318 -14.49 -11.26 -22.94
CA LYS A 318 -14.44 -11.35 -22.97
C LYS A 318 -13.20 -10.68 -22.35
N VAL A 319 -13.29 -10.28 -21.08
CA VAL A 319 -12.12 -9.76 -20.40
C VAL A 319 -11.35 -10.92 -19.82
N THR A 320 -10.10 -11.05 -20.25
CA THR A 320 -9.30 -12.22 -19.88
C THR A 320 -8.10 -11.84 -19.01
N ASP A 321 -7.78 -10.55 -18.94
CA ASP A 321 -6.60 -10.11 -18.21
C ASP A 321 -6.83 -8.65 -17.86
N PHE A 322 -6.11 -8.14 -16.84
CA PHE A 322 -6.16 -6.70 -16.61
C PHE A 322 -4.92 -6.31 -15.81
N PHE A 323 -4.60 -5.02 -15.86
CA PHE A 323 -3.62 -4.47 -14.90
C PHE A 323 -4.04 -3.09 -14.46
N SER A 324 -3.50 -2.68 -13.31
CA SER A 324 -3.78 -1.34 -12.81
C SER A 324 -2.49 -0.76 -12.24
N PHE A 325 -2.38 0.57 -12.27
CA PHE A 325 -1.31 1.26 -11.55
C PHE A 325 -1.87 2.57 -11.01
N TYR A 326 -1.21 3.07 -9.97
CA TYR A 326 -1.61 4.34 -9.36
C TYR A 326 -0.47 5.36 -9.35
N ARG A 327 -0.82 6.66 -9.29
CA ARG A 327 0.20 7.71 -9.41
C ARG A 327 0.49 8.32 -8.03
N ILE A 328 1.79 8.33 -7.67
CA ILE A 328 2.25 9.11 -6.51
C ILE A 328 3.41 9.97 -6.97
N PRO A 329 3.23 11.29 -7.09
CA PRO A 329 4.35 12.15 -7.42
C PRO A 329 5.11 12.44 -6.13
N SER A 330 6.41 12.79 -6.30
CA SER A 330 7.18 13.30 -5.17
C SER A 330 7.74 14.67 -5.50
N THR A 331 7.82 15.53 -4.49
CA THR A 331 8.53 16.80 -4.63
C THR A 331 10.01 16.50 -4.77
N VAL A 332 10.64 17.10 -5.81
CA VAL A 332 12.08 17.06 -5.97
C VAL A 332 12.68 18.24 -5.21
N ILE A 333 13.21 17.97 -4.01
CA ILE A 333 13.50 19.01 -3.02
C ILE A 333 14.69 19.86 -3.45
N GLY A 334 15.73 19.24 -4.01
CA GLY A 334 17.03 19.91 -4.09
C GLY A 334 17.35 20.42 -5.49
N ASN A 335 16.75 19.78 -6.50
CA ASN A 335 16.95 20.11 -7.88
C ASN A 335 15.87 21.12 -8.24
N SER A 336 16.30 22.24 -8.85
CA SER A 336 15.39 23.34 -9.15
C SER A 336 14.91 23.25 -10.61
N ASN A 337 15.59 22.44 -11.42
CA ASN A 337 15.22 22.25 -12.82
C ASN A 337 13.91 21.45 -12.96
N TYR A 338 13.51 20.73 -11.90
CA TYR A 338 12.33 19.87 -11.95
C TYR A 338 11.56 20.00 -10.65
N ASN A 339 10.22 20.06 -10.72
CA ASN A 339 9.48 20.18 -9.48
C ASN A 339 9.10 18.81 -8.91
N LEU A 340 8.80 17.87 -9.80
CA LEU A 340 8.15 16.63 -9.41
C LEU A 340 8.82 15.40 -10.04
N LEU A 341 8.81 14.30 -9.28
CA LEU A 341 9.09 12.94 -9.75
C LEU A 341 7.73 12.28 -9.96
N ASN A 342 7.41 11.80 -11.16
CA ASN A 342 6.09 11.27 -11.42
CA ASN A 342 6.07 11.26 -11.37
C ASN A 342 6.19 9.74 -11.43
N ALA A 343 5.80 9.08 -10.32
CA ALA A 343 5.97 7.62 -10.26
C ALA A 343 4.61 6.90 -10.43
N ALA A 344 4.67 5.80 -11.17
CA ALA A 344 3.57 4.84 -11.35
C ALA A 344 3.87 3.62 -10.50
N TYR A 345 2.92 3.24 -9.64
CA TYR A 345 3.12 2.06 -8.78
C TYR A 345 2.22 0.94 -9.25
N VAL A 346 2.77 -0.28 -9.40
CA VAL A 346 1.99 -1.42 -9.83
C VAL A 346 0.95 -1.75 -8.77
N HIS A 347 -0.32 -1.85 -9.23
CA HIS A 347 -1.44 -2.12 -8.34
C HIS A 347 -1.87 -3.57 -8.59
N TYR A 348 -3.15 -3.86 -8.53
CA TYR A 348 -3.60 -5.24 -8.79
C TYR A 348 -3.54 -5.56 -10.27
N TYR A 349 -3.49 -6.87 -10.58
CA TYR A 349 -3.54 -7.39 -11.95
C TYR A 349 -3.98 -8.85 -11.91
N ALA A 350 -4.29 -9.38 -13.09
CA ALA A 350 -4.54 -10.82 -13.20
C ALA A 350 -4.34 -11.16 -14.66
N ALA A 351 -3.67 -12.29 -14.89
CA ALA A 351 -3.47 -12.72 -16.28
C ALA A 351 -3.99 -14.15 -16.42
N THR A 352 -4.88 -14.36 -17.41
CA THR A 352 -5.35 -15.70 -17.75
C THR A 352 -5.04 -16.09 -19.20
N SER A 353 -4.77 -15.14 -20.11
CA SER A 353 -4.60 -15.46 -21.54
C SER A 353 -3.15 -15.33 -22.01
N ILE A 354 -2.36 -14.53 -21.27
CA ILE A 354 -1.03 -14.17 -21.73
C ILE A 354 -0.09 -14.24 -20.52
N PRO A 355 1.22 -14.42 -20.76
CA PRO A 355 2.18 -14.41 -19.67
C PRO A 355 2.17 -13.05 -18.97
N LEU A 356 2.38 -13.11 -17.65
CA LEU A 356 2.41 -11.88 -16.88
C LEU A 356 3.41 -10.87 -17.46
N HIS A 357 4.60 -11.30 -17.92
CA HIS A 357 5.55 -10.32 -18.44
C HIS A 357 5.02 -9.56 -19.65
N GLN A 358 4.17 -10.20 -20.46
CA GLN A 358 3.60 -9.55 -21.63
C GLN A 358 2.53 -8.53 -21.19
N LEU A 359 1.78 -8.90 -20.13
CA LEU A 359 0.75 -7.99 -19.61
C LEU A 359 1.40 -6.73 -19.04
N ILE A 360 2.45 -6.94 -18.22
CA ILE A 360 3.08 -5.81 -17.54
C ILE A 360 3.96 -4.97 -18.45
N LEU A 361 4.44 -5.54 -19.59
CA LEU A 361 5.11 -4.67 -20.54
C LEU A 361 4.15 -3.58 -21.01
N ASP A 362 2.90 -3.96 -21.25
CA ASP A 362 1.92 -2.96 -21.66
C ASP A 362 1.66 -1.92 -20.56
N LEU A 363 1.71 -2.29 -19.28
CA LEU A 363 1.72 -1.32 -18.19
C LEU A 363 2.83 -0.29 -18.34
N LEU A 364 4.08 -0.77 -18.55
CA LEU A 364 5.17 0.17 -18.66
C LEU A 364 4.99 1.06 -19.91
N ILE A 365 4.49 0.48 -21.02
CA ILE A 365 4.30 1.30 -22.23
C ILE A 365 3.27 2.37 -21.95
N VAL A 366 2.14 1.98 -21.33
CA VAL A 366 1.12 3.01 -21.07
C VAL A 366 1.65 4.08 -20.10
N ALA A 367 2.34 3.64 -19.03
CA ALA A 367 2.85 4.62 -18.08
C ALA A 367 3.84 5.60 -18.71
N HIS A 368 4.73 5.06 -19.55
CA HIS A 368 5.70 5.92 -20.21
C HIS A 368 4.99 6.91 -21.15
N SER A 369 3.99 6.41 -21.89
CA SER A 369 3.26 7.24 -22.84
CA SER A 369 3.23 7.22 -22.84
C SER A 369 2.54 8.38 -22.12
N ARG A 370 2.13 8.16 -20.87
CA ARG A 370 1.39 9.14 -20.10
C ARG A 370 2.31 10.08 -19.32
N GLY A 371 3.62 9.95 -19.50
CA GLY A 371 4.54 10.90 -18.89
C GLY A 371 5.04 10.50 -17.50
N PHE A 372 4.89 9.21 -17.12
CA PHE A 372 5.53 8.82 -15.86
C PHE A 372 7.04 8.61 -16.04
N ASP A 373 7.77 8.86 -14.95
CA ASP A 373 9.24 8.86 -14.94
C ASP A 373 9.80 7.50 -14.52
N VAL A 374 9.04 6.72 -13.73
CA VAL A 374 9.57 5.48 -13.15
C VAL A 374 8.33 4.65 -12.78
N CYS A 375 8.51 3.32 -12.80
CA CYS A 375 7.45 2.43 -12.31
C CYS A 375 8.01 1.69 -11.10
N ASN A 376 7.29 1.70 -10.00
CA ASN A 376 7.79 1.11 -8.76
C ASN A 376 6.83 -0.01 -8.32
N MET A 377 7.36 -0.95 -7.51
CA MET A 377 6.51 -2.01 -6.95
C MET A 377 7.29 -2.68 -5.83
N VAL A 378 6.57 -3.45 -4.99
CA VAL A 378 7.26 -4.31 -4.02
C VAL A 378 7.18 -5.74 -4.55
N GLU A 379 8.09 -6.63 -4.11
CA GLU A 379 8.09 -8.00 -4.56
C GLU A 379 7.00 -8.87 -3.93
N ILE A 380 5.78 -8.36 -3.89
CA ILE A 380 4.61 -9.13 -3.49
C ILE A 380 3.96 -9.76 -4.72
N LEU A 381 2.81 -10.42 -4.57
CA LEU A 381 2.12 -11.04 -5.70
C LEU A 381 3.08 -11.92 -6.51
N ASP A 382 3.03 -11.88 -7.84
CA ASP A 382 3.99 -12.56 -8.70
C ASP A 382 4.94 -11.54 -9.33
N ASN A 383 5.20 -10.43 -8.62
CA ASN A 383 6.02 -9.35 -9.17
C ASN A 383 7.44 -9.82 -9.51
N ARG A 384 7.99 -10.81 -8.79
CA ARG A 384 9.34 -11.24 -9.13
C ARG A 384 9.40 -11.94 -10.49
N SER A 385 8.23 -12.39 -11.03
CA SER A 385 8.28 -13.17 -12.26
CA SER A 385 8.19 -13.16 -12.28
C SER A 385 8.70 -12.37 -13.49
N PHE A 386 8.59 -11.02 -13.45
CA PHE A 386 8.93 -10.21 -14.61
C PHE A 386 10.03 -9.19 -14.34
N VAL A 387 10.66 -9.22 -13.16
CA VAL A 387 11.72 -8.29 -12.81
C VAL A 387 12.80 -8.25 -13.89
N GLU A 388 13.41 -9.42 -14.20
CA GLU A 388 14.64 -9.33 -15.02
C GLU A 388 14.31 -8.98 -16.46
N GLN A 389 13.27 -9.60 -17.03
CA GLN A 389 12.98 -9.39 -18.43
C GLN A 389 12.59 -7.93 -18.67
N LEU A 390 11.82 -7.34 -17.74
CA LEU A 390 11.30 -5.99 -17.93
C LEU A 390 12.24 -4.93 -17.35
N LYS A 391 13.41 -5.32 -16.86
CA LYS A 391 14.49 -4.40 -16.50
CA LYS A 391 14.49 -4.41 -16.49
C LYS A 391 14.19 -3.60 -15.23
N PHE A 392 13.47 -4.23 -14.28
CA PHE A 392 13.36 -3.61 -12.97
C PHE A 392 14.68 -3.87 -12.25
N GLY A 393 15.01 -2.99 -11.32
CA GLY A 393 16.15 -3.20 -10.45
C GLY A 393 15.70 -3.04 -9.01
N ALA A 394 16.29 -3.83 -8.08
CA ALA A 394 16.02 -3.62 -6.68
C ALA A 394 16.52 -2.27 -6.19
N GLY A 395 15.71 -1.60 -5.34
CA GLY A 395 16.05 -0.32 -4.75
C GLY A 395 16.66 -0.52 -3.35
N ASP A 396 16.93 0.56 -2.63
CA ASP A 396 17.65 0.30 -1.38
C ASP A 396 16.67 0.09 -0.23
N GLY A 397 15.39 0.25 -0.53
CA GLY A 397 14.36 0.23 0.49
C GLY A 397 13.60 -1.10 0.54
N HIS A 398 12.87 -1.28 1.67
CA HIS A 398 12.04 -2.47 1.87
C HIS A 398 10.67 -1.98 2.34
N LEU A 399 9.62 -2.74 2.04
CA LEU A 399 8.34 -2.49 2.68
C LEU A 399 8.02 -3.65 3.61
N ARG A 400 7.82 -3.35 4.90
CA ARG A 400 7.57 -4.35 5.91
C ARG A 400 6.07 -4.34 6.20
N TYR A 401 5.48 -5.56 6.28
CA TYR A 401 4.05 -5.74 6.53
C TYR A 401 3.86 -6.18 7.99
N TYR A 402 2.90 -5.51 8.65
CA TYR A 402 2.67 -5.74 10.06
C TYR A 402 1.18 -5.94 10.33
N PHE A 403 0.86 -6.72 11.38
CA PHE A 403 -0.47 -6.73 11.96
C PHE A 403 -0.44 -6.15 13.38
N TYR A 404 -1.55 -5.53 13.75
CA TYR A 404 -1.79 -5.17 15.15
C TYR A 404 -2.76 -6.18 15.74
N ASN A 405 -2.36 -6.79 16.89
CA ASN A 405 -3.22 -7.74 17.64
C ASN A 405 -3.52 -8.97 16.79
N TRP A 406 -2.50 -9.48 16.08
CA TRP A 406 -2.69 -10.72 15.32
C TRP A 406 -1.36 -11.44 15.27
N ALA A 407 -1.32 -12.60 15.92
CA ALA A 407 -0.16 -13.46 15.79
C ALA A 407 -0.16 -14.13 14.42
N TYR A 408 0.99 -14.09 13.74
CA TYR A 408 1.03 -14.62 12.39
C TYR A 408 2.43 -15.18 12.13
N PRO A 409 2.54 -16.36 11.50
CA PRO A 409 3.86 -16.89 11.11
C PRO A 409 4.55 -15.96 10.13
N LYS A 410 5.88 -15.92 10.18
CA LYS A 410 6.67 -15.30 9.12
C LYS A 410 6.32 -15.94 7.78
N ILE A 411 6.03 -15.10 6.76
CA ILE A 411 5.82 -15.61 5.41
C ILE A 411 6.71 -14.84 4.44
N LYS A 412 6.90 -15.41 3.24
CA LYS A 412 7.68 -14.76 2.19
C LYS A 412 6.81 -13.67 1.56
N PRO A 413 7.41 -12.60 1.02
CA PRO A 413 6.54 -11.55 0.43
C PRO A 413 5.76 -12.02 -0.78
N SER A 414 6.20 -13.10 -1.46
CA SER A 414 5.43 -13.66 -2.58
C SER A 414 4.21 -14.45 -2.10
N GLN A 415 3.94 -14.47 -0.78
CA GLN A 415 2.68 -15.02 -0.28
CA GLN A 415 2.75 -15.03 -0.14
C GLN A 415 1.76 -13.90 0.20
N VAL A 416 2.13 -12.66 -0.13
CA VAL A 416 1.28 -11.50 0.23
C VAL A 416 0.64 -10.93 -1.03
N ALA A 417 -0.66 -10.65 -0.94
CA ALA A 417 -1.41 -10.15 -2.10
C ALA A 417 -2.10 -8.82 -1.78
N LEU A 418 -1.74 -8.18 -0.64
CA LEU A 418 -2.31 -6.88 -0.32
C LEU A 418 -1.38 -5.74 -0.79
N VAL A 419 -1.86 -4.93 -1.75
CA VAL A 419 -1.07 -3.78 -2.22
C VAL A 419 -1.38 -2.59 -1.28
N MET A 420 -0.34 -1.88 -0.87
CA MET A 420 -0.53 -0.72 -0.01
CA MET A 420 -0.56 -0.72 -0.02
C MET A 420 -0.34 0.55 -0.83
N LEU A 421 -1.25 1.52 -0.58
CA LEU A 421 -1.21 2.77 -1.33
C LEU A 421 -0.24 3.75 -0.69
#